data_7F61
#
_entry.id   7F61
#
_cell.length_a   71.124
_cell.length_b   165.624
_cell.length_c   42.651
_cell.angle_alpha   90.000
_cell.angle_beta   90.000
_cell.angle_gamma   90.000
#
_symmetry.space_group_name_H-M   'P 21 21 2'
#
loop_
_entity.id
_entity.type
_entity.pdbx_description
1 polymer 'Histamine H3 receptor'
2 polymer 'Soluble cytochrome b562'
3 non-polymer N-ethyl-3-fluoranyl-3-[3-fluoranyl-4-(pyrrolidin-1-ylmethyl)phenyl]cyclobutane-1-carboxamide
4 non-polymer CHOLESTEROL
5 water water
#
loop_
_entity_poly.entity_id
_entity_poly.type
_entity_poly.pdbx_seq_one_letter_code
_entity_poly.pdbx_strand_id
1 'polypeptide(L)'
;RGFSAAWTAVLAALMALLIVATVLGNALVMLAFVADSSLRTQNNFFLLNLAISDFLVGAFCIPLYVPYVLTGRWTFGRGL
CKLWLVVDYLLCTSKAFNIVLISYDRFLSVTRAVSYRAQQGDTRRAVRKMLLVWVLAFLLYGPAILSWEYLSGGSSIPEG
HCYAEFFYNWYFLITASTLEFFTPFLSVTFFNLSIYLNIQRRTRLRLDGAREAAGPEPPPEAQPSPPPPPGCWGCWQKGH
GEAMPLHRYGVGEAAVGAEAGEATLGGGGGGGSVASPTSSSGSSSRGTERPRSLKRGSKPSASSASLEKRMKMVSQSFTQ
RFRLSRDRKVAKSLAVIVSIFGLCWAPYTLLMIIRAACHGHCVPDYWYETSFWLLWANSAVNPVLYPLCHHSFRRAFTKL
LCPQKLK
;
A
2 'polypeptide(L)'
;MKTIIALSYIFCLVFADYKDDDDKHHHHHHHHHHENLYFQGADLEDNWETLNDNLKVIEKADNAAQVKDALTKMRAAALD
AQKATPPKLEDKSPDSPEMKDFRHGFDILVGQIDDALKLANEGKVKEAQAAAEQLKTTRNAYIQKYL
;
B
#
loop_
_chem_comp.id
_chem_comp.type
_chem_comp.name
_chem_comp.formula
1IB non-polymer N-ethyl-3-fluoranyl-3-[3-fluoranyl-4-(pyrrolidin-1-ylmethyl)phenyl]cyclobutane-1-carboxamide 'C18 H24 F2 N2 O'
CLR non-polymer CHOLESTEROL 'C27 H46 O'
#
# COMPACT_ATOMS: atom_id res chain seq x y z
N ARG A 1 -0.62 -19.07 3.36
CA ARG A 1 0.39 -18.47 2.46
C ARG A 1 1.73 -18.73 3.10
N GLY A 2 2.64 -17.75 3.02
CA GLY A 2 3.99 -17.85 3.63
C GLY A 2 4.98 -18.63 2.79
N PHE A 3 6.10 -18.96 3.40
CA PHE A 3 7.35 -19.38 2.72
C PHE A 3 8.09 -20.42 3.56
N SER A 4 8.73 -21.37 2.89
CA SER A 4 9.70 -22.34 3.47
C SER A 4 10.83 -21.60 4.19
N ALA A 5 11.50 -22.28 5.13
CA ALA A 5 12.66 -21.80 5.91
C ALA A 5 13.68 -21.12 4.99
N ALA A 6 14.13 -21.84 3.96
CA ALA A 6 15.12 -21.36 2.96
C ALA A 6 14.69 -20.02 2.38
N TRP A 7 13.42 -19.85 1.98
CA TRP A 7 12.94 -18.59 1.34
C TRP A 7 12.72 -17.52 2.41
N THR A 8 12.26 -17.86 3.60
CA THR A 8 12.00 -16.79 4.58
C THR A 8 13.37 -16.18 4.95
N ALA A 9 14.42 -16.99 5.10
CA ALA A 9 15.81 -16.55 5.43
C ALA A 9 16.35 -15.54 4.41
N VAL A 10 16.13 -15.75 3.11
CA VAL A 10 16.57 -14.80 2.04
C VAL A 10 15.68 -13.53 2.03
N LEU A 11 14.37 -13.68 2.18
CA LEU A 11 13.46 -12.51 2.16
C LEU A 11 13.64 -11.69 3.47
N ALA A 12 13.77 -12.32 4.62
CA ALA A 12 13.91 -11.60 5.91
C ALA A 12 15.16 -10.71 5.80
N ALA A 13 16.26 -11.25 5.28
CA ALA A 13 17.55 -10.56 5.11
C ALA A 13 17.29 -9.28 4.32
N LEU A 14 16.58 -9.40 3.20
CA LEU A 14 16.34 -8.30 2.24
C LEU A 14 15.37 -7.28 2.84
N MET A 15 14.32 -7.75 3.51
CA MET A 15 13.27 -6.91 4.17
C MET A 15 13.93 -6.04 5.23
N ALA A 16 14.94 -6.60 5.92
CA ALA A 16 15.69 -5.96 7.02
C ALA A 16 16.53 -4.82 6.44
N LEU A 17 17.30 -5.08 5.39
CA LEU A 17 18.14 -4.07 4.72
C LEU A 17 17.27 -2.87 4.33
N LEU A 18 16.10 -3.14 3.76
CA LEU A 18 15.14 -2.09 3.34
C LEU A 18 14.73 -1.31 4.60
N ILE A 19 14.36 -2.01 5.67
CA ILE A 19 14.00 -1.34 6.95
C ILE A 19 15.17 -0.42 7.32
N VAL A 20 16.39 -0.96 7.45
CA VAL A 20 17.53 -0.16 8.01
C VAL A 20 17.75 1.06 7.10
N ALA A 21 17.71 0.82 5.79
CA ALA A 21 17.98 1.85 4.77
C ALA A 21 16.96 2.97 4.90
N THR A 22 15.66 2.64 5.06
CA THR A 22 14.53 3.61 5.12
C THR A 22 14.65 4.44 6.40
N VAL A 23 14.84 3.73 7.52
CA VAL A 23 14.95 4.34 8.88
C VAL A 23 16.19 5.22 8.95
N LEU A 24 17.38 4.71 8.62
CA LEU A 24 18.63 5.52 8.71
C LEU A 24 18.50 6.72 7.77
N GLY A 25 18.08 6.49 6.52
CA GLY A 25 17.95 7.52 5.46
C GLY A 25 17.09 8.69 5.89
N ASN A 26 15.96 8.45 6.54
CA ASN A 26 15.01 9.52 6.94
C ASN A 26 15.36 10.13 8.29
N ALA A 27 15.95 9.36 9.21
CA ALA A 27 16.56 9.93 10.44
C ALA A 27 17.64 10.93 10.04
N LEU A 28 18.54 10.53 9.14
CA LEU A 28 19.60 11.44 8.65
C LEU A 28 18.94 12.69 8.07
N VAL A 29 17.86 12.55 7.31
CA VAL A 29 17.21 13.74 6.68
C VAL A 29 16.70 14.61 7.84
N MET A 30 15.99 14.05 8.82
CA MET A 30 15.43 14.81 9.97
C MET A 30 16.55 15.48 10.80
N LEU A 31 17.65 14.79 11.10
CA LEU A 31 18.84 15.36 11.78
C LEU A 31 19.46 16.54 10.99
N ALA A 32 19.29 16.62 9.66
CA ALA A 32 19.85 17.74 8.86
C ALA A 32 18.99 19.01 9.05
N PHE A 33 17.70 18.87 9.40
CA PHE A 33 16.80 20.01 9.75
C PHE A 33 17.29 20.61 11.06
N VAL A 34 17.69 19.76 12.00
CA VAL A 34 18.32 20.13 13.30
C VAL A 34 19.63 20.88 13.02
N ALA A 35 20.53 20.36 12.19
CA ALA A 35 21.91 20.91 11.99
C ALA A 35 21.87 22.29 11.31
N ASP A 36 20.92 22.53 10.40
CA ASP A 36 20.94 23.70 9.49
C ASP A 36 19.61 24.44 9.54
N SER A 37 19.60 25.62 10.13
CA SER A 37 18.40 26.43 10.36
C SER A 37 18.10 27.26 9.11
N SER A 38 18.87 27.06 8.05
CA SER A 38 18.55 27.76 6.78
C SER A 38 17.50 26.93 6.03
N LEU A 39 17.25 25.72 6.51
CA LEU A 39 16.24 24.82 5.91
C LEU A 39 14.87 25.19 6.46
N ARG A 40 14.76 26.35 7.09
CA ARG A 40 13.47 26.81 7.64
C ARG A 40 12.69 27.48 6.53
N THR A 41 12.38 26.73 5.48
CA THR A 41 11.60 27.28 4.36
C THR A 41 10.36 26.40 4.16
N GLN A 42 9.30 26.97 3.60
CA GLN A 42 8.05 26.20 3.31
C GLN A 42 8.33 25.00 2.41
N ASN A 43 9.03 25.23 1.30
CA ASN A 43 9.45 24.16 0.35
C ASN A 43 10.16 23.06 1.14
N ASN A 44 11.11 23.45 1.99
CA ASN A 44 11.90 22.48 2.78
C ASN A 44 10.97 21.72 3.73
N PHE A 45 10.09 22.42 4.47
CA PHE A 45 9.11 21.79 5.39
C PHE A 45 8.23 20.77 4.65
N PHE A 46 7.86 21.01 3.39
CA PHE A 46 7.03 20.09 2.59
C PHE A 46 7.84 18.80 2.33
N LEU A 47 9.15 18.93 2.15
CA LEU A 47 10.07 17.76 2.01
C LEU A 47 10.26 17.05 3.34
N LEU A 48 10.41 17.81 4.45
CA LEU A 48 10.47 17.26 5.84
C LEU A 48 9.23 16.37 6.05
N ASN A 49 8.07 16.83 5.58
CA ASN A 49 6.77 16.13 5.75
C ASN A 49 6.85 14.76 5.08
N LEU A 50 7.41 14.73 3.87
CA LEU A 50 7.63 13.49 3.07
C LEU A 50 8.58 12.54 3.82
N ALA A 51 9.67 13.06 4.39
CA ALA A 51 10.67 12.30 5.19
C ALA A 51 10.04 11.73 6.47
N ILE A 52 9.14 12.44 7.14
CA ILE A 52 8.39 11.88 8.31
C ILE A 52 7.59 10.65 7.84
N SER A 53 6.76 10.78 6.82
CA SER A 53 5.91 9.68 6.30
C SER A 53 6.81 8.46 6.04
N ASP A 54 7.95 8.73 5.39
CA ASP A 54 8.96 7.76 4.92
C ASP A 54 9.58 7.06 6.13
N PHE A 55 9.96 7.86 7.12
CA PHE A 55 10.47 7.32 8.40
C PHE A 55 9.49 6.28 8.93
N LEU A 56 8.18 6.60 8.90
CA LEU A 56 7.14 5.77 9.57
C LEU A 56 6.91 4.51 8.73
N VAL A 57 6.97 4.60 7.40
CA VAL A 57 6.87 3.39 6.54
C VAL A 57 7.99 2.41 6.97
N GLY A 58 9.19 2.94 7.23
CA GLY A 58 10.35 2.14 7.66
C GLY A 58 10.23 1.65 9.08
N ALA A 59 9.86 2.54 10.01
CA ALA A 59 9.87 2.25 11.47
C ALA A 59 8.65 1.45 11.88
N PHE A 60 7.51 1.57 11.18
CA PHE A 60 6.21 1.03 11.65
C PHE A 60 5.59 0.08 10.62
N CYS A 61 5.27 0.56 9.41
CA CYS A 61 4.49 -0.20 8.39
C CYS A 61 5.23 -1.43 7.86
N ILE A 62 6.47 -1.32 7.39
CA ILE A 62 7.18 -2.54 6.88
C ILE A 62 7.37 -3.56 8.01
N PRO A 63 7.98 -3.20 9.16
CA PRO A 63 8.17 -4.14 10.26
C PRO A 63 6.95 -4.97 10.69
N LEU A 64 5.75 -4.38 10.81
CA LEU A 64 4.56 -5.17 11.26
C LEU A 64 4.11 -6.14 10.16
N TYR A 65 4.39 -5.84 8.89
CA TYR A 65 3.92 -6.65 7.73
C TYR A 65 4.90 -7.82 7.51
N VAL A 66 6.19 -7.63 7.75
CA VAL A 66 7.23 -8.67 7.51
C VAL A 66 6.72 -10.04 8.00
N PRO A 67 6.46 -10.23 9.32
CA PRO A 67 6.01 -11.52 9.84
C PRO A 67 4.78 -12.09 9.13
N TYR A 68 3.95 -11.21 8.54
CA TYR A 68 2.61 -11.55 7.99
C TYR A 68 2.79 -12.10 6.59
N VAL A 69 3.59 -11.46 5.71
CA VAL A 69 3.96 -12.08 4.39
C VAL A 69 4.78 -13.35 4.63
N LEU A 70 5.73 -13.35 5.54
CA LEU A 70 6.66 -14.50 5.69
C LEU A 70 5.90 -15.76 6.11
N THR A 71 4.92 -15.63 7.01
CA THR A 71 4.23 -16.77 7.68
C THR A 71 2.79 -16.91 7.22
N GLY A 72 2.23 -15.89 6.54
CA GLY A 72 0.80 -15.86 6.17
C GLY A 72 -0.16 -15.48 7.30
N ARG A 73 0.28 -15.30 8.56
CA ARG A 73 -0.65 -15.01 9.70
C ARG A 73 -0.36 -13.65 10.33
N TRP A 74 -1.40 -12.86 10.55
CA TRP A 74 -1.33 -11.65 11.43
C TRP A 74 -1.49 -12.11 12.88
N THR A 75 -0.49 -11.95 13.75
CA THR A 75 -0.50 -12.57 15.10
C THR A 75 -0.67 -11.52 16.21
N PHE A 76 -1.31 -10.38 15.91
CA PHE A 76 -1.23 -9.16 16.75
C PHE A 76 -2.63 -8.67 17.18
N GLY A 77 -3.67 -9.45 16.90
CA GLY A 77 -5.07 -9.06 17.16
C GLY A 77 -5.57 -8.08 16.13
N ARG A 78 -6.88 -8.01 15.91
CA ARG A 78 -7.50 -7.11 14.89
C ARG A 78 -7.30 -5.64 15.34
N GLY A 79 -7.33 -5.33 16.64
CA GLY A 79 -7.05 -3.97 17.14
C GLY A 79 -5.80 -3.35 16.49
N LEU A 80 -4.66 -4.00 16.64
CA LEU A 80 -3.36 -3.56 16.04
C LEU A 80 -3.43 -3.69 14.51
N CYS A 81 -4.27 -4.57 13.98
CA CYS A 81 -4.53 -4.69 12.51
C CYS A 81 -5.11 -3.36 12.04
N LYS A 82 -6.14 -2.86 12.73
CA LYS A 82 -6.84 -1.62 12.32
C LYS A 82 -5.85 -0.45 12.37
N LEU A 83 -5.07 -0.34 13.45
CA LEU A 83 -4.09 0.76 13.57
C LEU A 83 -3.08 0.71 12.42
N TRP A 84 -2.48 -0.45 12.17
CA TRP A 84 -1.48 -0.64 11.10
C TRP A 84 -2.14 -0.28 9.73
N LEU A 85 -3.34 -0.79 9.46
CA LEU A 85 -4.14 -0.44 8.25
C LEU A 85 -4.31 1.08 8.17
N VAL A 86 -4.85 1.72 9.20
CA VAL A 86 -5.09 3.20 9.18
C VAL A 86 -3.77 3.87 8.76
N VAL A 87 -2.68 3.53 9.43
CA VAL A 87 -1.37 4.20 9.24
C VAL A 87 -0.80 3.91 7.84
N ASP A 88 -0.95 2.69 7.32
CA ASP A 88 -0.42 2.39 5.96
C ASP A 88 -1.21 3.18 4.92
N TYR A 89 -2.56 3.23 5.03
CA TYR A 89 -3.46 3.94 4.07
C TYR A 89 -3.23 5.44 4.20
N LEU A 90 -2.94 5.89 5.42
CA LEU A 90 -2.67 7.31 5.73
C LEU A 90 -1.36 7.78 5.08
N LEU A 91 -0.28 7.04 5.26
CA LEU A 91 1.06 7.41 4.73
C LEU A 91 1.05 7.35 3.20
N CYS A 92 0.39 6.37 2.63
CA CYS A 92 0.20 6.35 1.16
C CYS A 92 -0.43 7.68 0.72
N THR A 93 -1.68 8.01 1.11
CA THR A 93 -2.40 9.15 0.48
C THR A 93 -1.75 10.46 0.93
N SER A 94 -1.20 10.53 2.15
CA SER A 94 -0.41 11.70 2.59
C SER A 94 0.76 11.92 1.63
N LYS A 95 1.62 10.91 1.35
CA LYS A 95 2.78 11.10 0.44
C LYS A 95 2.25 11.71 -0.87
N ALA A 96 1.29 11.03 -1.50
CA ALA A 96 0.60 11.48 -2.74
C ALA A 96 0.13 12.95 -2.62
N PHE A 97 -0.61 13.33 -1.55
CA PHE A 97 -1.24 14.68 -1.40
C PHE A 97 -0.17 15.73 -1.13
N ASN A 98 1.00 15.29 -0.67
CA ASN A 98 2.13 16.16 -0.28
C ASN A 98 2.96 16.41 -1.54
N ILE A 99 3.11 15.42 -2.41
CA ILE A 99 3.67 15.64 -3.78
C ILE A 99 2.83 16.71 -4.51
N VAL A 100 1.50 16.72 -4.33
CA VAL A 100 0.61 17.75 -4.95
C VAL A 100 1.05 19.12 -4.45
N LEU A 101 1.08 19.28 -3.12
CA LEU A 101 1.44 20.50 -2.37
C LEU A 101 2.85 20.98 -2.77
N ILE A 102 3.86 20.11 -2.75
CA ILE A 102 5.23 20.43 -3.22
C ILE A 102 5.17 21.01 -4.65
N SER A 103 4.38 20.39 -5.53
CA SER A 103 4.26 20.77 -6.97
C SER A 103 3.64 22.17 -7.08
N TYR A 104 2.59 22.45 -6.30
CA TYR A 104 1.94 23.78 -6.18
C TYR A 104 2.95 24.85 -5.70
N ASP A 105 3.63 24.59 -4.58
CA ASP A 105 4.65 25.49 -4.00
C ASP A 105 5.73 25.79 -5.05
N ARG A 106 6.17 24.81 -5.83
CA ARG A 106 7.18 25.03 -6.89
C ARG A 106 6.56 25.85 -8.04
N PHE A 107 5.33 25.53 -8.45
CA PHE A 107 4.59 26.31 -9.47
C PHE A 107 4.51 27.78 -9.03
N LEU A 108 4.09 28.06 -7.79
CA LEU A 108 4.07 29.47 -7.31
C LEU A 108 5.47 30.09 -7.31
N SER A 109 6.54 29.33 -6.99
CA SER A 109 7.88 29.95 -6.92
C SER A 109 8.35 30.36 -8.33
N VAL A 110 8.01 29.63 -9.39
CA VAL A 110 8.43 30.07 -10.76
C VAL A 110 7.43 31.10 -11.29
N THR A 111 6.12 30.81 -11.26
CA THR A 111 5.08 31.60 -11.96
C THR A 111 4.71 32.89 -11.20
N ARG A 112 4.91 32.92 -9.89
CA ARG A 112 4.57 34.03 -8.93
C ARG A 112 5.82 34.28 -8.07
N ALA A 113 6.95 34.53 -8.70
CA ALA A 113 8.29 34.52 -8.04
C ALA A 113 8.42 35.61 -6.99
N VAL A 114 7.90 36.83 -7.24
CA VAL A 114 8.19 38.01 -6.35
C VAL A 114 7.28 37.98 -5.11
N SER A 115 6.03 37.52 -5.24
CA SER A 115 5.06 37.24 -4.15
C SER A 115 5.56 36.07 -3.29
N TYR A 116 6.23 35.10 -3.91
CA TYR A 116 6.71 33.87 -3.24
C TYR A 116 7.90 34.23 -2.34
N ARG A 117 8.74 35.17 -2.77
CA ARG A 117 9.95 35.61 -2.03
C ARG A 117 9.56 36.02 -0.59
N ALA A 118 8.44 36.75 -0.40
CA ALA A 118 8.01 37.36 0.88
C ALA A 118 7.51 36.29 1.86
N GLN A 119 6.96 35.21 1.32
CA GLN A 119 6.16 34.18 2.02
C GLN A 119 7.06 33.01 2.44
N GLN A 120 8.29 32.94 1.90
CA GLN A 120 9.11 31.71 1.81
C GLN A 120 9.58 31.25 3.21
N GLY A 121 9.97 32.20 4.07
CA GLY A 121 10.47 31.93 5.43
C GLY A 121 9.36 31.72 6.44
N ASP A 122 8.10 31.70 5.99
CA ASP A 122 6.89 31.54 6.83
C ASP A 122 6.62 30.06 7.10
N THR A 123 7.27 29.47 8.09
CA THR A 123 7.18 28.02 8.38
C THR A 123 5.87 27.71 9.12
N ARG A 124 5.29 28.68 9.84
CA ARG A 124 4.00 28.50 10.58
C ARG A 124 2.90 28.24 9.56
N ARG A 125 2.87 29.01 8.47
CA ARG A 125 1.96 28.83 7.32
C ARG A 125 2.18 27.43 6.72
N ALA A 126 3.45 27.03 6.53
CA ALA A 126 3.87 25.73 5.97
C ALA A 126 3.35 24.58 6.83
N VAL A 127 3.66 24.59 8.13
CA VAL A 127 3.27 23.53 9.11
C VAL A 127 1.73 23.41 9.13
N ARG A 128 0.99 24.51 8.91
CA ARG A 128 -0.50 24.45 8.95
C ARG A 128 -1.05 23.81 7.67
N LYS A 129 -0.46 24.08 6.50
CA LYS A 129 -0.75 23.40 5.22
C LYS A 129 -0.45 21.89 5.33
N MET A 130 0.67 21.48 5.91
CA MET A 130 0.96 20.01 6.03
C MET A 130 -0.09 19.34 6.96
N LEU A 131 -0.54 19.99 8.03
CA LEU A 131 -1.53 19.44 9.01
C LEU A 131 -2.88 19.21 8.33
N LEU A 132 -3.39 20.25 7.67
CA LEU A 132 -4.58 20.12 6.79
C LEU A 132 -4.39 18.88 5.90
N VAL A 133 -3.21 18.67 5.31
CA VAL A 133 -2.97 17.52 4.37
C VAL A 133 -3.14 16.19 5.11
N TRP A 134 -2.63 16.08 6.35
CA TRP A 134 -2.73 14.84 7.18
C TRP A 134 -4.20 14.51 7.44
N VAL A 135 -4.98 15.53 7.73
CA VAL A 135 -6.44 15.36 7.96
C VAL A 135 -7.07 14.96 6.62
N LEU A 136 -6.79 15.65 5.51
CA LEU A 136 -7.43 15.28 4.23
C LEU A 136 -7.03 13.84 3.88
N ALA A 137 -5.81 13.44 4.17
CA ALA A 137 -5.30 12.11 3.79
C ALA A 137 -6.09 11.08 4.57
N PHE A 138 -6.16 11.24 5.89
CA PHE A 138 -6.88 10.36 6.84
C PHE A 138 -8.30 10.13 6.37
N LEU A 139 -8.97 11.21 5.95
CA LEU A 139 -10.42 11.28 5.62
C LEU A 139 -10.76 10.27 4.51
N LEU A 140 -9.85 10.03 3.59
CA LEU A 140 -10.17 9.18 2.41
C LEU A 140 -10.40 7.72 2.83
N TYR A 141 -9.53 7.14 3.65
CA TYR A 141 -9.63 5.71 4.09
C TYR A 141 -9.88 5.57 5.61
N GLY A 142 -9.55 6.58 6.42
CA GLY A 142 -9.44 6.45 7.89
C GLY A 142 -10.72 5.96 8.56
N PRO A 143 -11.84 6.74 8.46
CA PRO A 143 -13.16 6.31 8.91
C PRO A 143 -13.73 5.02 8.31
N ALA A 144 -13.55 4.79 7.01
CA ALA A 144 -14.03 3.57 6.32
C ALA A 144 -13.41 2.32 6.98
N ILE A 145 -12.09 2.30 7.20
CA ILE A 145 -11.33 1.21 7.90
C ILE A 145 -11.93 0.94 9.28
N LEU A 146 -12.07 2.00 10.09
CA LEU A 146 -12.45 1.90 11.53
C LEU A 146 -13.94 1.53 11.69
N SER A 147 -14.80 1.81 10.70
CA SER A 147 -16.27 1.81 10.86
C SER A 147 -16.99 0.77 9.97
N TRP A 148 -16.41 0.37 8.85
CA TRP A 148 -17.08 -0.56 7.89
C TRP A 148 -17.66 -1.80 8.59
N GLU A 149 -16.95 -2.39 9.53
CA GLU A 149 -17.39 -3.65 10.16
C GLU A 149 -18.74 -3.46 10.84
N TYR A 150 -18.92 -2.35 11.55
CA TYR A 150 -20.17 -2.12 12.31
C TYR A 150 -21.28 -1.74 11.33
N LEU A 151 -20.98 -0.96 10.31
CA LEU A 151 -21.94 -0.57 9.23
C LEU A 151 -22.40 -1.82 8.48
N SER A 152 -21.56 -2.85 8.38
CA SER A 152 -21.82 -4.08 7.58
C SER A 152 -22.28 -5.23 8.48
N GLY A 153 -22.56 -4.94 9.76
CA GLY A 153 -22.99 -5.91 10.78
C GLY A 153 -21.96 -7.01 11.07
N GLY A 154 -20.65 -6.70 11.12
CA GLY A 154 -19.58 -7.65 11.53
C GLY A 154 -18.48 -7.80 10.49
N SER A 155 -17.31 -8.30 10.88
CA SER A 155 -16.11 -8.49 10.00
C SER A 155 -16.27 -9.69 9.06
N SER A 156 -15.80 -9.56 7.82
CA SER A 156 -15.66 -10.66 6.82
C SER A 156 -14.18 -11.04 6.65
N ILE A 157 -13.33 -10.67 7.62
CA ILE A 157 -11.86 -10.89 7.62
C ILE A 157 -11.59 -11.94 8.69
N PRO A 158 -11.36 -13.22 8.31
CA PRO A 158 -11.08 -14.26 9.32
C PRO A 158 -9.99 -13.84 10.31
N GLU A 159 -9.97 -14.38 11.53
CA GLU A 159 -8.97 -13.94 12.56
C GLU A 159 -7.56 -14.29 12.09
N GLY A 160 -7.39 -15.16 11.10
CA GLY A 160 -6.08 -15.33 10.46
C GLY A 160 -5.42 -14.00 10.04
N HIS A 161 -6.04 -13.23 9.14
CA HIS A 161 -5.31 -12.21 8.33
C HIS A 161 -5.69 -10.76 8.69
N CYS A 162 -5.21 -9.80 7.91
CA CYS A 162 -5.37 -8.32 8.11
C CYS A 162 -5.61 -7.61 6.76
N TYR A 163 -6.85 -7.19 6.49
CA TYR A 163 -7.28 -6.48 5.26
C TYR A 163 -8.27 -5.38 5.69
N ALA A 164 -8.44 -4.33 4.88
CA ALA A 164 -9.55 -3.34 5.04
C ALA A 164 -10.86 -4.07 4.77
N GLU A 165 -11.83 -3.91 5.66
CA GLU A 165 -13.19 -4.52 5.56
C GLU A 165 -13.85 -4.13 4.22
N PHE A 166 -13.40 -3.07 3.55
CA PHE A 166 -13.92 -2.62 2.23
C PHE A 166 -13.13 -3.29 1.10
N PHE A 167 -12.14 -4.13 1.39
CA PHE A 167 -11.11 -4.55 0.41
C PHE A 167 -11.67 -5.46 -0.70
N TYR A 168 -12.84 -6.11 -0.52
CA TYR A 168 -13.57 -6.83 -1.60
C TYR A 168 -14.91 -6.13 -1.88
N ASN A 169 -15.03 -4.86 -1.50
CA ASN A 169 -16.19 -4.00 -1.86
C ASN A 169 -15.78 -3.17 -3.08
N TRP A 170 -16.16 -3.61 -4.27
CA TRP A 170 -15.78 -3.01 -5.57
C TRP A 170 -16.30 -1.57 -5.71
N TYR A 171 -17.51 -1.26 -5.24
CA TYR A 171 -18.14 0.07 -5.46
C TYR A 171 -17.32 1.13 -4.73
N PHE A 172 -17.14 0.97 -3.42
CA PHE A 172 -16.20 1.78 -2.59
C PHE A 172 -14.80 1.80 -3.23
N LEU A 173 -14.28 0.66 -3.64
CA LEU A 173 -12.88 0.56 -4.14
C LEU A 173 -12.74 1.33 -5.47
N ILE A 174 -13.71 1.32 -6.38
CA ILE A 174 -13.57 2.08 -7.66
C ILE A 174 -13.52 3.59 -7.40
N THR A 175 -14.34 4.13 -6.48
CA THR A 175 -14.46 5.60 -6.26
C THR A 175 -13.26 6.06 -5.39
N ALA A 176 -12.81 5.25 -4.42
CA ALA A 176 -11.59 5.55 -3.64
C ALA A 176 -10.34 5.43 -4.53
N SER A 177 -10.20 4.36 -5.33
CA SER A 177 -9.12 4.17 -6.34
C SER A 177 -9.00 5.40 -7.24
N THR A 178 -10.09 5.80 -7.90
CA THR A 178 -10.08 6.80 -8.99
C THR A 178 -9.75 8.17 -8.38
N LEU A 179 -10.31 8.49 -7.21
CA LEU A 179 -9.96 9.72 -6.45
C LEU A 179 -8.47 9.64 -6.09
N GLU A 180 -8.05 8.56 -5.44
CA GLU A 180 -6.66 8.37 -4.91
C GLU A 180 -5.66 8.57 -6.06
N PHE A 181 -5.99 8.07 -7.25
CA PHE A 181 -5.07 8.14 -8.41
C PHE A 181 -5.20 9.50 -9.11
N PHE A 182 -6.38 9.85 -9.64
CA PHE A 182 -6.58 10.99 -10.59
C PHE A 182 -6.41 12.34 -9.88
N THR A 183 -6.89 12.51 -8.65
CA THR A 183 -6.81 13.83 -7.97
C THR A 183 -5.34 14.23 -8.01
N PRO A 184 -4.45 13.42 -7.40
CA PRO A 184 -3.02 13.72 -7.43
C PRO A 184 -2.38 13.72 -8.82
N PHE A 185 -2.67 12.73 -9.66
CA PHE A 185 -1.99 12.61 -10.97
C PHE A 185 -2.36 13.80 -11.88
N LEU A 186 -3.61 14.29 -11.88
CA LEU A 186 -4.03 15.41 -12.80
C LEU A 186 -3.58 16.76 -12.24
N SER A 187 -3.71 16.95 -10.93
CA SER A 187 -3.21 18.16 -10.25
C SER A 187 -1.69 18.25 -10.46
N VAL A 188 -0.93 17.19 -10.17
CA VAL A 188 0.56 17.17 -10.32
C VAL A 188 0.94 17.37 -11.79
N THR A 189 0.28 16.70 -12.74
CA THR A 189 0.57 16.85 -14.20
C THR A 189 0.42 18.33 -14.58
N PHE A 190 -0.67 18.95 -14.14
CA PHE A 190 -1.03 20.36 -14.43
C PHE A 190 0.09 21.29 -13.92
N PHE A 191 0.45 21.20 -12.65
CA PHE A 191 1.48 22.13 -12.09
C PHE A 191 2.76 22.00 -12.95
N ASN A 192 3.28 20.79 -13.15
CA ASN A 192 4.56 20.56 -13.89
C ASN A 192 4.47 21.06 -15.34
N LEU A 193 3.38 20.76 -16.05
CA LEU A 193 3.15 21.26 -17.43
C LEU A 193 3.14 22.79 -17.38
N SER A 194 2.42 23.34 -16.43
CA SER A 194 2.27 24.79 -16.25
C SER A 194 3.64 25.45 -15.95
N ILE A 195 4.56 24.79 -15.23
CA ILE A 195 5.96 25.28 -14.99
C ILE A 195 6.74 25.27 -16.32
N TYR A 196 6.60 24.20 -17.08
CA TYR A 196 7.26 24.04 -18.40
C TYR A 196 6.87 25.23 -19.33
N LEU A 197 5.57 25.51 -19.45
CA LEU A 197 5.06 26.55 -20.39
C LEU A 197 5.55 27.93 -19.96
N ASN A 198 5.51 28.16 -18.66
CA ASN A 198 5.94 29.44 -18.03
C ASN A 198 7.40 29.74 -18.40
N ILE A 199 8.27 28.75 -18.25
CA ILE A 199 9.74 28.86 -18.56
C ILE A 199 9.93 29.01 -20.07
N GLN A 200 9.26 28.19 -20.87
CA GLN A 200 9.34 28.27 -22.34
C GLN A 200 8.94 29.67 -22.81
N ARG A 201 7.80 30.18 -22.33
CA ARG A 201 7.33 31.55 -22.68
C ARG A 201 8.48 32.56 -22.37
N ARG A 202 8.87 32.73 -21.11
CA ARG A 202 9.89 33.74 -20.67
C ARG A 202 11.22 33.57 -21.44
N THR A 203 11.64 32.35 -21.75
CA THR A 203 12.81 32.06 -22.63
C THR A 203 12.67 32.69 -24.03
N ARG A 204 11.46 32.78 -24.58
CA ARG A 204 11.23 33.35 -25.94
C ARG A 204 10.85 34.83 -25.80
N LEU A 205 11.09 35.43 -24.62
CA LEU A 205 10.74 36.84 -24.32
C LEU A 205 11.94 37.71 -24.70
N ARG A 206 11.69 38.92 -25.21
CA ARG A 206 12.67 39.80 -25.87
C ARG A 206 12.84 41.02 -24.97
N LEU A 207 13.95 41.06 -24.24
CA LEU A 207 14.12 42.12 -23.23
C LEU A 207 15.44 42.84 -23.47
N ASP A 208 15.60 44.01 -22.85
CA ASP A 208 16.81 44.84 -23.04
C ASP A 208 18.01 44.27 -22.28
N GLY A 209 19.16 44.92 -22.35
CA GLY A 209 20.39 44.32 -21.80
C GLY A 209 20.33 43.96 -20.33
N ALA A 210 19.76 44.79 -19.47
CA ALA A 210 19.82 44.47 -18.01
C ALA A 210 18.64 43.60 -17.60
N ARG A 211 17.45 43.87 -18.14
CA ARG A 211 16.26 43.08 -17.78
C ARG A 211 16.46 41.68 -18.34
N GLU A 212 16.92 41.58 -19.58
CA GLU A 212 17.16 40.25 -20.21
C GLU A 212 18.20 39.49 -19.39
N ALA A 213 19.33 40.14 -19.10
CA ALA A 213 20.48 39.57 -18.37
C ALA A 213 20.07 39.15 -16.95
N ALA A 214 19.21 39.94 -16.29
CA ALA A 214 18.66 39.65 -14.94
C ALA A 214 17.71 38.43 -15.01
N GLY A 215 16.76 38.47 -15.93
CA GLY A 215 15.82 37.36 -16.17
C GLY A 215 16.38 36.41 -17.19
N ARG A 321 18.73 36.22 -18.08
CA ARG A 321 18.61 34.73 -18.19
C ARG A 321 18.93 34.08 -16.83
N PHE A 322 19.45 34.83 -15.84
CA PHE A 322 19.93 34.23 -14.56
C PHE A 322 18.73 33.61 -13.85
N ARG A 323 17.59 34.31 -13.79
CA ARG A 323 16.40 33.83 -13.04
C ARG A 323 15.80 32.61 -13.73
N LEU A 324 15.94 32.51 -15.04
CA LEU A 324 15.49 31.33 -15.82
C LEU A 324 16.44 30.16 -15.57
N SER A 325 17.74 30.38 -15.33
CA SER A 325 18.66 29.26 -15.03
C SER A 325 18.17 28.57 -13.75
N ARG A 326 17.66 29.36 -12.81
CA ARG A 326 17.24 28.90 -11.46
C ARG A 326 15.91 28.12 -11.62
N ASP A 327 14.96 28.70 -12.35
CA ASP A 327 13.66 28.06 -12.69
C ASP A 327 13.89 26.72 -13.39
N ARG A 328 14.83 26.67 -14.32
CA ARG A 328 15.09 25.41 -15.08
C ARG A 328 15.55 24.34 -14.08
N LYS A 329 16.35 24.71 -13.08
CA LYS A 329 16.87 23.77 -12.05
C LYS A 329 15.72 23.29 -11.17
N VAL A 330 14.88 24.23 -10.72
CA VAL A 330 13.69 23.91 -9.87
C VAL A 330 12.78 22.90 -10.58
N ALA A 331 12.61 23.03 -11.91
CA ALA A 331 11.77 22.16 -12.77
C ALA A 331 12.35 20.75 -12.89
N LYS A 332 13.67 20.61 -13.08
CA LYS A 332 14.38 19.30 -13.04
C LYS A 332 14.09 18.63 -11.70
N SER A 333 14.42 19.33 -10.61
CA SER A 333 14.23 18.86 -9.20
C SER A 333 12.83 18.28 -9.03
N LEU A 334 11.83 18.98 -9.54
CA LEU A 334 10.41 18.62 -9.30
C LEU A 334 10.09 17.42 -10.17
N ALA A 335 10.45 17.46 -11.45
CA ALA A 335 10.27 16.35 -12.41
C ALA A 335 10.88 15.06 -11.83
N VAL A 336 12.13 15.10 -11.37
CA VAL A 336 12.84 13.88 -10.87
C VAL A 336 12.04 13.25 -9.73
N ILE A 337 11.71 14.00 -8.70
CA ILE A 337 11.00 13.42 -7.51
C ILE A 337 9.58 13.01 -7.91
N VAL A 338 8.89 13.85 -8.66
CA VAL A 338 7.50 13.55 -9.12
C VAL A 338 7.50 12.26 -9.95
N SER A 339 8.43 12.11 -10.90
CA SER A 339 8.62 10.90 -11.76
C SER A 339 8.92 9.68 -10.91
N ILE A 340 9.87 9.77 -9.98
CA ILE A 340 10.32 8.56 -9.25
C ILE A 340 9.17 8.11 -8.32
N PHE A 341 8.43 9.06 -7.77
CA PHE A 341 7.21 8.76 -6.98
C PHE A 341 6.15 8.11 -7.89
N GLY A 342 5.86 8.76 -9.03
CA GLY A 342 4.92 8.26 -10.05
C GLY A 342 5.18 6.80 -10.40
N LEU A 343 6.44 6.44 -10.63
CA LEU A 343 6.84 5.09 -11.06
C LEU A 343 6.82 4.12 -9.86
N CYS A 344 6.84 4.61 -8.61
CA CYS A 344 6.74 3.74 -7.41
C CYS A 344 5.29 3.54 -6.98
N TRP A 345 4.44 4.53 -7.28
CA TRP A 345 3.09 4.68 -6.71
C TRP A 345 2.04 4.30 -7.76
N ALA A 346 2.31 4.52 -9.05
CA ALA A 346 1.34 4.30 -10.16
C ALA A 346 0.93 2.84 -10.25
N PRO A 347 1.85 1.84 -10.20
CA PRO A 347 1.45 0.44 -10.34
C PRO A 347 0.37 0.06 -9.32
N TYR A 348 0.59 0.38 -8.04
CA TYR A 348 -0.35 0.11 -6.91
C TYR A 348 -1.66 0.87 -7.12
N THR A 349 -1.59 2.15 -7.44
CA THR A 349 -2.83 2.95 -7.60
C THR A 349 -3.63 2.41 -8.79
N LEU A 350 -2.94 2.06 -9.90
CA LEU A 350 -3.57 1.65 -11.17
C LEU A 350 -4.12 0.25 -11.02
N LEU A 351 -3.35 -0.65 -10.43
CA LEU A 351 -3.81 -2.04 -10.18
C LEU A 351 -5.08 -2.02 -9.32
N MET A 352 -5.19 -1.16 -8.30
CA MET A 352 -6.39 -1.13 -7.41
C MET A 352 -7.60 -0.77 -8.26
N ILE A 353 -7.48 0.27 -9.10
CA ILE A 353 -8.54 0.74 -10.02
C ILE A 353 -8.97 -0.44 -10.90
N ILE A 354 -8.02 -1.25 -11.35
CA ILE A 354 -8.30 -2.39 -12.27
C ILE A 354 -8.89 -3.57 -11.48
N ARG A 355 -8.40 -3.93 -10.29
CA ARG A 355 -9.00 -4.96 -9.39
C ARG A 355 -10.48 -4.66 -9.15
N ALA A 356 -10.81 -3.40 -8.91
CA ALA A 356 -12.16 -2.97 -8.51
C ALA A 356 -13.10 -3.02 -9.74
N ALA A 357 -12.58 -2.79 -10.95
CA ALA A 357 -13.40 -2.69 -12.18
C ALA A 357 -13.58 -4.05 -12.86
N CYS A 358 -12.83 -5.08 -12.47
CA CYS A 358 -13.08 -6.46 -12.94
C CYS A 358 -13.45 -7.33 -11.76
N HIS A 359 -13.89 -6.70 -10.66
CA HIS A 359 -14.44 -7.35 -9.43
C HIS A 359 -13.51 -8.48 -8.97
N GLY A 360 -12.19 -8.28 -9.04
CA GLY A 360 -11.18 -9.16 -8.43
C GLY A 360 -10.91 -10.42 -9.25
N HIS A 361 -11.42 -10.49 -10.48
CA HIS A 361 -11.39 -11.70 -11.33
C HIS A 361 -10.20 -11.63 -12.31
N CYS A 362 -9.56 -10.48 -12.49
CA CYS A 362 -8.49 -10.34 -13.51
C CYS A 362 -7.15 -9.95 -12.88
N VAL A 363 -7.07 -9.66 -11.57
CA VAL A 363 -5.79 -9.29 -10.88
C VAL A 363 -5.41 -10.32 -9.82
N PRO A 364 -4.38 -11.16 -10.05
CA PRO A 364 -3.82 -12.01 -9.01
C PRO A 364 -3.30 -11.23 -7.78
N ASP A 365 -3.57 -11.74 -6.58
CA ASP A 365 -3.09 -11.15 -5.30
C ASP A 365 -1.63 -10.72 -5.43
N TYR A 366 -0.75 -11.58 -5.95
CA TYR A 366 0.72 -11.37 -5.85
C TYR A 366 1.14 -10.18 -6.72
N TRP A 367 0.35 -9.76 -7.70
CA TRP A 367 0.66 -8.52 -8.49
C TRP A 367 0.60 -7.33 -7.55
N TYR A 368 -0.55 -7.13 -6.88
CA TYR A 368 -0.75 -5.96 -5.99
C TYR A 368 0.19 -6.08 -4.77
N GLU A 369 0.51 -7.28 -4.27
CA GLU A 369 1.43 -7.48 -3.12
C GLU A 369 2.90 -7.18 -3.47
N THR A 370 3.36 -7.56 -4.66
CA THR A 370 4.61 -7.03 -5.26
C THR A 370 4.59 -5.49 -5.20
N SER A 371 3.51 -4.85 -5.67
CA SER A 371 3.47 -3.39 -5.90
C SER A 371 3.68 -2.64 -4.58
N PHE A 372 3.22 -3.22 -3.46
CA PHE A 372 3.39 -2.66 -2.08
C PHE A 372 4.85 -2.30 -1.83
N TRP A 373 5.74 -3.23 -2.20
CA TRP A 373 7.20 -3.13 -1.92
C TRP A 373 7.80 -2.01 -2.78
N LEU A 374 7.36 -1.93 -4.05
CA LEU A 374 7.76 -0.85 -5.01
C LEU A 374 7.37 0.52 -4.42
N LEU A 375 6.12 0.66 -3.97
CA LEU A 375 5.62 1.89 -3.29
C LEU A 375 6.39 2.11 -1.96
N TRP A 376 6.55 1.09 -1.12
CA TRP A 376 7.30 1.25 0.14
C TRP A 376 8.79 1.53 -0.16
N ALA A 377 9.31 1.03 -1.27
CA ALA A 377 10.74 1.21 -1.61
C ALA A 377 11.00 2.72 -1.84
N ASN A 378 9.98 3.47 -2.21
CA ASN A 378 10.13 4.91 -2.54
C ASN A 378 10.68 5.64 -1.31
N SER A 379 10.34 5.15 -0.12
CA SER A 379 10.66 5.76 1.20
C SER A 379 12.17 5.67 1.45
N ALA A 380 12.82 4.60 0.97
CA ALA A 380 14.30 4.45 0.95
C ALA A 380 14.90 5.43 -0.04
N VAL A 381 14.23 5.71 -1.15
CA VAL A 381 14.85 6.45 -2.29
C VAL A 381 14.87 7.95 -1.98
N ASN A 382 13.77 8.49 -1.50
CA ASN A 382 13.65 9.95 -1.25
C ASN A 382 14.85 10.51 -0.49
N PRO A 383 15.27 9.95 0.67
CA PRO A 383 16.43 10.47 1.39
C PRO A 383 17.64 10.80 0.50
N VAL A 384 17.88 9.99 -0.54
CA VAL A 384 19.01 10.18 -1.49
C VAL A 384 18.71 11.30 -2.49
N LEU A 385 17.44 11.50 -2.86
CA LEU A 385 17.02 12.52 -3.87
C LEU A 385 17.17 13.95 -3.34
N TYR A 386 16.96 14.19 -2.04
CA TYR A 386 16.96 15.58 -1.49
C TYR A 386 18.30 16.25 -1.80
N PRO A 387 19.46 15.67 -1.41
CA PRO A 387 20.76 16.25 -1.73
C PRO A 387 21.16 16.17 -3.21
N LEU A 388 20.72 15.12 -3.91
CA LEU A 388 20.94 15.02 -5.37
C LEU A 388 20.36 16.29 -6.01
N CYS A 389 19.15 16.67 -5.61
CA CYS A 389 18.30 17.66 -6.34
C CYS A 389 18.27 19.06 -5.71
N HIS A 390 18.68 19.22 -4.44
CA HIS A 390 18.55 20.52 -3.72
C HIS A 390 19.89 20.93 -3.15
N HIS A 391 20.33 22.18 -3.41
CA HIS A 391 21.47 22.83 -2.74
C HIS A 391 21.25 22.81 -1.22
N SER A 392 20.07 23.28 -0.80
CA SER A 392 19.73 23.53 0.61
C SER A 392 20.04 22.27 1.44
N PHE A 393 19.80 21.08 0.85
CA PHE A 393 20.07 19.78 1.47
C PHE A 393 21.55 19.41 1.34
N ARG A 394 22.20 19.78 0.24
CA ARG A 394 23.65 19.52 0.13
C ARG A 394 24.36 20.29 1.23
N ARG A 395 23.88 21.51 1.51
CA ARG A 395 24.40 22.45 2.54
C ARG A 395 24.20 21.84 3.92
N ALA A 396 23.02 21.30 4.20
CA ALA A 396 22.61 20.82 5.54
C ALA A 396 23.41 19.56 5.89
N PHE A 397 23.56 18.67 4.92
CA PHE A 397 24.30 17.39 5.06
C PHE A 397 25.77 17.70 5.34
N THR A 398 26.29 18.77 4.74
CA THR A 398 27.67 19.26 4.97
C THR A 398 27.78 19.75 6.42
N LYS A 399 26.87 20.62 6.84
CA LYS A 399 26.83 21.12 8.23
C LYS A 399 26.78 19.96 9.23
N LEU A 400 26.17 18.82 8.86
CA LEU A 400 25.98 17.66 9.76
C LEU A 400 27.18 16.69 9.71
N LEU A 401 27.55 16.18 8.53
CA LEU A 401 28.41 14.98 8.34
C LEU A 401 29.86 15.37 8.06
N CYS A 402 30.09 16.47 7.36
CA CYS A 402 31.43 16.90 6.89
C CYS A 402 31.59 18.40 7.03
N PRO A 403 31.24 19.00 8.21
CA PRO A 403 31.32 20.46 8.39
C PRO A 403 32.71 21.08 8.21
N GLN A 404 33.74 20.26 7.99
CA GLN A 404 35.13 20.73 7.84
C GLN A 404 35.25 21.69 6.66
N LYS A 405 34.24 21.76 5.79
CA LYS A 405 34.26 22.64 4.61
C LYS A 405 34.09 24.11 5.02
N LEU A 406 33.71 24.39 6.27
CA LEU A 406 33.64 25.77 6.82
C LEU A 406 32.60 26.60 6.07
N ALA B 42 -0.29 -24.10 -6.91
CA ALA B 42 -1.44 -23.33 -7.41
C ALA B 42 -2.64 -24.24 -7.71
N ASP B 43 -2.43 -25.56 -7.84
CA ASP B 43 -3.52 -26.58 -7.84
C ASP B 43 -4.20 -26.55 -6.47
N LEU B 44 -3.44 -26.28 -5.39
CA LEU B 44 -3.95 -26.05 -4.01
C LEU B 44 -4.71 -24.71 -3.98
N GLU B 45 -4.15 -23.69 -4.62
CA GLU B 45 -4.80 -22.37 -4.82
C GLU B 45 -6.11 -22.59 -5.58
N ASP B 46 -6.11 -23.45 -6.62
CA ASP B 46 -7.25 -23.70 -7.54
C ASP B 46 -8.29 -24.60 -6.86
N ASN B 47 -7.87 -25.57 -6.06
CA ASN B 47 -8.79 -26.39 -5.24
C ASN B 47 -9.46 -25.51 -4.18
N TRP B 48 -8.76 -24.53 -3.61
CA TRP B 48 -9.36 -23.55 -2.65
C TRP B 48 -10.39 -22.70 -3.38
N GLU B 49 -10.03 -22.25 -4.60
CA GLU B 49 -10.94 -21.57 -5.56
C GLU B 49 -12.28 -22.32 -5.61
N THR B 50 -12.24 -23.60 -5.97
CA THR B 50 -13.42 -24.50 -6.09
C THR B 50 -14.24 -24.51 -4.78
N LEU B 51 -13.60 -24.62 -3.62
CA LEU B 51 -14.32 -24.68 -2.32
C LEU B 51 -15.17 -23.42 -2.15
N ASN B 52 -14.59 -22.26 -2.51
CA ASN B 52 -15.24 -20.92 -2.38
C ASN B 52 -16.48 -20.86 -3.27
N ASP B 53 -16.33 -21.12 -4.57
CA ASP B 53 -17.41 -20.99 -5.60
C ASP B 53 -18.61 -21.87 -5.22
N ASN B 54 -18.38 -23.10 -4.75
CA ASN B 54 -19.43 -24.11 -4.43
C ASN B 54 -20.13 -23.74 -3.10
N LEU B 55 -19.43 -23.12 -2.17
CA LEU B 55 -20.01 -22.74 -0.86
C LEU B 55 -21.02 -21.60 -1.04
N LYS B 56 -20.86 -20.78 -2.08
CA LYS B 56 -21.75 -19.62 -2.34
C LYS B 56 -22.97 -20.07 -3.14
N VAL B 57 -22.78 -21.00 -4.09
CA VAL B 57 -23.90 -21.71 -4.77
C VAL B 57 -24.90 -22.20 -3.72
N ILE B 58 -24.39 -22.66 -2.57
CA ILE B 58 -25.18 -23.41 -1.56
C ILE B 58 -25.99 -22.41 -0.70
N GLU B 59 -25.37 -21.31 -0.29
CA GLU B 59 -26.09 -20.13 0.25
C GLU B 59 -27.28 -19.81 -0.68
N LYS B 60 -27.02 -19.77 -1.99
CA LYS B 60 -27.89 -19.23 -3.08
C LYS B 60 -28.95 -20.24 -3.57
N ALA B 61 -28.82 -21.53 -3.27
CA ALA B 61 -29.63 -22.62 -3.89
C ALA B 61 -31.07 -22.61 -3.33
N ASP B 62 -31.92 -23.54 -3.81
CA ASP B 62 -33.33 -23.71 -3.36
C ASP B 62 -33.76 -25.18 -3.29
N ASN B 63 -33.10 -26.09 -4.01
CA ASN B 63 -33.47 -27.52 -4.11
C ASN B 63 -32.23 -28.39 -3.85
N ALA B 64 -32.45 -29.68 -3.60
CA ALA B 64 -31.46 -30.64 -3.05
C ALA B 64 -30.37 -30.98 -4.07
N ALA B 65 -30.67 -30.92 -5.36
CA ALA B 65 -29.77 -31.36 -6.45
C ALA B 65 -28.59 -30.37 -6.56
N GLN B 66 -28.90 -29.08 -6.60
CA GLN B 66 -27.89 -27.97 -6.60
C GLN B 66 -27.00 -28.14 -5.37
N VAL B 67 -27.61 -28.31 -4.21
CA VAL B 67 -26.86 -28.41 -2.93
C VAL B 67 -25.96 -29.66 -3.00
N LYS B 68 -26.49 -30.80 -3.46
CA LYS B 68 -25.76 -32.09 -3.64
C LYS B 68 -24.55 -31.91 -4.58
N ASP B 69 -24.78 -31.38 -5.78
CA ASP B 69 -23.70 -31.25 -6.79
C ASP B 69 -22.58 -30.38 -6.21
N ALA B 70 -22.95 -29.29 -5.53
CA ALA B 70 -22.01 -28.30 -4.93
C ALA B 70 -21.13 -29.00 -3.87
N LEU B 71 -21.72 -29.91 -3.10
CA LEU B 71 -21.01 -30.60 -2.01
C LEU B 71 -20.09 -31.67 -2.62
N THR B 72 -20.57 -32.41 -3.62
CA THR B 72 -19.79 -33.49 -4.31
C THR B 72 -18.55 -32.87 -4.93
N LYS B 73 -18.68 -31.63 -5.41
CA LYS B 73 -17.58 -30.82 -6.00
C LYS B 73 -16.62 -30.43 -4.88
N MET B 74 -17.16 -29.77 -3.86
CA MET B 74 -16.41 -29.40 -2.63
C MET B 74 -15.59 -30.60 -2.16
N ARG B 75 -16.21 -31.77 -2.10
CA ARG B 75 -15.59 -32.98 -1.54
C ARG B 75 -14.36 -33.34 -2.37
N ALA B 76 -14.56 -33.55 -3.68
CA ALA B 76 -13.51 -33.85 -4.69
C ALA B 76 -12.35 -32.87 -4.52
N ALA B 77 -12.64 -31.56 -4.49
CA ALA B 77 -11.61 -30.51 -4.33
C ALA B 77 -10.87 -30.70 -2.99
N ALA B 78 -11.58 -31.08 -1.93
CA ALA B 78 -11.05 -31.23 -0.56
C ALA B 78 -10.05 -32.40 -0.52
N LEU B 79 -10.47 -33.57 -1.01
CA LEU B 79 -9.60 -34.78 -1.12
C LEU B 79 -8.36 -34.43 -1.95
N ASP B 80 -8.56 -33.66 -3.02
CA ASP B 80 -7.46 -33.24 -3.90
C ASP B 80 -6.53 -32.30 -3.14
N ALA B 81 -7.10 -31.32 -2.44
CA ALA B 81 -6.34 -30.30 -1.68
C ALA B 81 -5.62 -30.98 -0.51
N GLN B 82 -6.20 -32.03 0.06
CA GLN B 82 -5.58 -32.77 1.20
C GLN B 82 -4.23 -33.41 0.78
N LYS B 83 -4.06 -33.79 -0.49
CA LYS B 83 -2.85 -34.48 -1.02
C LYS B 83 -1.77 -33.46 -1.40
N ALA B 84 -2.10 -32.17 -1.37
CA ALA B 84 -1.19 -31.08 -1.74
C ALA B 84 -0.12 -30.93 -0.66
N THR B 85 1.01 -30.34 -1.05
CA THR B 85 2.06 -29.82 -0.16
C THR B 85 1.95 -28.29 -0.19
N PRO B 86 1.47 -27.66 0.90
CA PRO B 86 1.40 -26.20 0.98
C PRO B 86 2.76 -25.55 0.77
N PRO B 87 2.80 -24.41 0.05
CA PRO B 87 4.06 -23.71 -0.25
C PRO B 87 4.92 -23.58 1.02
N LYS B 88 4.31 -23.14 2.11
CA LYS B 88 4.90 -22.98 3.47
C LYS B 88 5.76 -24.19 3.82
N LEU B 89 5.41 -25.37 3.30
CA LEU B 89 5.87 -26.69 3.80
C LEU B 89 6.66 -27.47 2.72
N GLU B 90 7.14 -26.83 1.64
CA GLU B 90 7.86 -27.57 0.56
C GLU B 90 9.01 -28.36 1.21
N ASP B 91 9.44 -27.97 2.41
CA ASP B 91 10.69 -28.42 3.09
C ASP B 91 10.39 -29.27 4.33
N LYS B 92 9.24 -29.95 4.38
CA LYS B 92 8.79 -30.70 5.59
C LYS B 92 8.41 -32.13 5.19
N SER B 93 8.62 -33.06 6.12
CA SER B 93 8.20 -34.48 6.07
C SER B 93 6.66 -34.55 6.08
N PRO B 94 6.06 -35.63 5.52
CA PRO B 94 4.62 -35.91 5.67
C PRO B 94 4.19 -36.25 7.11
N ASP B 95 5.17 -36.73 7.90
CA ASP B 95 5.02 -37.08 9.33
C ASP B 95 5.30 -35.82 10.18
N SER B 96 5.46 -34.68 9.53
CA SER B 96 5.74 -33.41 10.23
C SER B 96 4.48 -32.97 10.95
N PRO B 97 4.58 -32.38 12.16
CA PRO B 97 3.40 -32.00 12.91
C PRO B 97 2.54 -31.08 12.04
N GLU B 98 3.18 -30.17 11.30
CA GLU B 98 2.45 -29.19 10.45
C GLU B 98 1.69 -29.91 9.34
N MET B 99 2.30 -30.91 8.71
CA MET B 99 1.67 -31.65 7.58
C MET B 99 0.57 -32.59 8.10
N LYS B 100 0.65 -33.11 9.32
CA LYS B 100 -0.42 -33.96 9.91
C LYS B 100 -1.65 -33.09 10.21
N ASP B 101 -1.38 -31.88 10.70
CA ASP B 101 -2.38 -30.88 11.12
C ASP B 101 -3.12 -30.33 9.90
N PHE B 102 -2.39 -30.03 8.81
CA PHE B 102 -2.94 -29.57 7.51
C PHE B 102 -3.97 -30.61 7.05
N ARG B 103 -3.60 -31.88 7.13
CA ARG B 103 -4.40 -33.02 6.62
C ARG B 103 -5.58 -33.30 7.56
N HIS B 104 -5.44 -33.01 8.86
CA HIS B 104 -6.54 -33.19 9.85
C HIS B 104 -7.62 -32.10 9.65
N GLY B 105 -7.20 -30.86 9.37
CA GLY B 105 -8.13 -29.80 8.95
C GLY B 105 -9.06 -30.30 7.85
N PHE B 106 -8.53 -31.06 6.90
CA PHE B 106 -9.27 -31.52 5.70
C PHE B 106 -10.11 -32.75 6.03
N ASP B 107 -9.72 -33.52 7.05
CA ASP B 107 -10.54 -34.63 7.58
C ASP B 107 -11.80 -34.03 8.20
N ILE B 108 -11.67 -32.96 8.99
CA ILE B 108 -12.81 -32.23 9.60
C ILE B 108 -13.75 -31.82 8.46
N LEU B 109 -13.18 -31.25 7.40
CA LEU B 109 -13.90 -30.60 6.28
C LEU B 109 -14.68 -31.65 5.48
N VAL B 110 -13.96 -32.66 4.99
CA VAL B 110 -14.55 -33.79 4.20
C VAL B 110 -15.74 -34.34 4.99
N GLY B 111 -15.52 -34.68 6.27
CA GLY B 111 -16.51 -35.24 7.20
C GLY B 111 -17.72 -34.34 7.34
N GLN B 112 -17.49 -33.03 7.44
CA GLN B 112 -18.59 -32.03 7.55
C GLN B 112 -19.34 -32.00 6.21
N ILE B 113 -18.65 -31.99 5.07
CA ILE B 113 -19.29 -32.05 3.72
C ILE B 113 -20.14 -33.33 3.63
N ASP B 114 -19.64 -34.48 4.09
CA ASP B 114 -20.36 -35.77 4.09
C ASP B 114 -21.59 -35.75 5.01
N ASP B 115 -21.57 -35.02 6.12
CA ASP B 115 -22.76 -34.93 7.01
C ASP B 115 -23.86 -34.22 6.23
N ALA B 116 -23.48 -33.13 5.54
CA ALA B 116 -24.36 -32.25 4.73
C ALA B 116 -24.87 -32.99 3.47
N LEU B 117 -24.06 -33.89 2.88
CA LEU B 117 -24.50 -34.80 1.79
C LEU B 117 -25.60 -35.73 2.32
N LYS B 118 -25.33 -36.45 3.42
CA LYS B 118 -26.32 -37.22 4.20
C LYS B 118 -27.65 -36.46 4.25
N LEU B 119 -27.64 -35.20 4.71
CA LEU B 119 -28.88 -34.41 4.89
C LEU B 119 -29.47 -34.04 3.51
N ALA B 120 -28.66 -33.60 2.55
CA ALA B 120 -29.10 -33.28 1.17
C ALA B 120 -29.71 -34.53 0.54
N ASN B 121 -29.15 -35.70 0.82
CA ASN B 121 -29.54 -36.99 0.18
C ASN B 121 -30.80 -37.55 0.86
N GLU B 122 -31.50 -36.73 1.63
CA GLU B 122 -32.82 -37.05 2.24
C GLU B 122 -33.80 -35.92 1.91
N GLY B 123 -33.37 -34.90 1.17
CA GLY B 123 -34.18 -33.75 0.71
C GLY B 123 -34.28 -32.67 1.77
N LYS B 124 -33.48 -32.80 2.84
CA LYS B 124 -33.38 -31.80 3.93
C LYS B 124 -32.47 -30.65 3.45
N VAL B 125 -32.97 -29.83 2.54
CA VAL B 125 -32.18 -28.74 1.88
C VAL B 125 -31.73 -27.69 2.93
N LYS B 126 -32.60 -27.37 3.90
CA LYS B 126 -32.38 -26.33 4.93
C LYS B 126 -31.28 -26.75 5.90
N GLU B 127 -31.37 -27.97 6.46
CA GLU B 127 -30.31 -28.56 7.33
C GLU B 127 -28.98 -28.58 6.57
N ALA B 128 -28.98 -29.10 5.35
CA ALA B 128 -27.79 -29.24 4.49
C ALA B 128 -27.18 -27.87 4.17
N GLN B 129 -27.99 -26.83 4.05
CA GLN B 129 -27.50 -25.44 3.77
C GLN B 129 -26.92 -24.84 5.05
N ALA B 130 -27.60 -25.06 6.18
CA ALA B 130 -27.18 -24.60 7.53
C ALA B 130 -25.82 -25.22 7.87
N ALA B 131 -25.60 -26.50 7.55
CA ALA B 131 -24.35 -27.27 7.80
C ALA B 131 -23.20 -26.71 6.95
N ALA B 132 -23.52 -26.12 5.80
CA ALA B 132 -22.55 -25.47 4.89
C ALA B 132 -21.85 -24.30 5.57
N GLU B 133 -22.54 -23.58 6.46
CA GLU B 133 -21.97 -22.44 7.23
C GLU B 133 -20.79 -22.91 8.06
N GLN B 134 -20.93 -24.08 8.70
CA GLN B 134 -19.92 -24.70 9.59
C GLN B 134 -18.63 -24.97 8.81
N LEU B 135 -18.74 -25.23 7.50
CA LEU B 135 -17.57 -25.44 6.61
C LEU B 135 -16.63 -24.21 6.69
N LYS B 136 -17.20 -23.00 6.73
CA LYS B 136 -16.46 -21.71 6.79
C LYS B 136 -15.59 -21.67 8.05
N THR B 137 -16.14 -22.11 9.18
CA THR B 137 -15.41 -22.20 10.46
C THR B 137 -14.21 -23.13 10.27
N THR B 138 -14.49 -24.38 9.85
CA THR B 138 -13.48 -25.44 9.71
C THR B 138 -12.38 -24.98 8.76
N ARG B 139 -12.73 -24.20 7.74
CA ARG B 139 -11.75 -23.68 6.75
C ARG B 139 -10.78 -22.73 7.44
N ASN B 140 -11.32 -21.69 8.09
CA ASN B 140 -10.55 -20.57 8.68
C ASN B 140 -9.70 -21.07 9.85
N ALA B 141 -10.31 -21.79 10.80
CA ALA B 141 -9.69 -22.19 12.09
C ALA B 141 -8.50 -23.15 11.87
N TYR B 142 -8.58 -24.03 10.86
CA TYR B 142 -7.73 -25.25 10.72
C TYR B 142 -6.87 -25.23 9.45
N ILE B 143 -7.37 -24.74 8.30
CA ILE B 143 -6.74 -24.92 6.95
C ILE B 143 -6.06 -23.64 6.43
N GLN B 144 -6.74 -22.48 6.52
CA GLN B 144 -6.34 -21.15 5.95
C GLN B 144 -4.90 -20.77 6.34
N LYS B 145 -4.45 -21.12 7.54
CA LYS B 145 -3.05 -20.96 8.03
C LYS B 145 -2.02 -21.44 6.97
N TYR B 146 -2.29 -22.53 6.28
CA TYR B 146 -1.27 -23.30 5.53
C TYR B 146 -1.19 -22.82 4.08
N LEU B 147 -2.19 -22.05 3.65
CA LEU B 147 -2.36 -21.67 2.22
C LEU B 147 -1.08 -21.00 1.75
CAN 1IB C . -1.24 1.19 0.85
CAQ 1IB C . 0.20 1.29 0.46
CAR 1IB C . 0.45 -0.02 -0.26
CAO 1IB C . -0.78 -0.91 -0.05
NAD 1IB C . -1.38 -0.25 1.12
CAP 1IB C . -2.83 -0.52 1.35
CAS 1IB C . -3.06 -1.86 1.69
CAT 1IB C . -3.74 -2.71 0.84
FAB 1IB C . -4.15 -2.28 -0.25
CAL 1IB C . -3.94 -4.05 1.19
CAU 1IB C . -2.58 -2.37 2.87
CAM 1IB C . -2.78 -3.70 3.23
CAJ 1IB C . -3.44 -4.57 2.38
CAF 1IB C . -3.68 -5.90 2.75
CAI 1IB C . -3.45 -7.00 1.71
FAA 1IB C . -5.06 -5.95 3.16
CAH 1IB C . -2.58 -6.59 3.61
CAG 1IB C . -3.00 -7.88 2.90
CAK 1IB C . -1.84 -8.84 2.57
OAC 1IB C . -0.88 -8.48 1.87
NAE 1IB C . -1.98 -10.08 3.11
CAV 1IB C . -0.98 -11.14 2.92
CAW 1IB C . -0.98 -11.43 1.43
C1 CLR D . 6.17 -10.32 -1.28
C2 CLR D . 5.00 -11.22 -1.54
C3 CLR D . 4.46 -10.94 -2.91
C4 CLR D . 5.56 -11.23 -3.91
C5 CLR D . 6.72 -10.52 -3.61
C6 CLR D . 7.35 -9.90 -4.67
C7 CLR D . 8.52 -9.16 -4.59
C8 CLR D . 9.21 -9.31 -3.27
C9 CLR D . 8.20 -9.35 -2.15
C10 CLR D . 7.25 -10.50 -2.31
C11 CLR D . 8.95 -9.50 -0.83
C12 CLR D . 9.91 -8.35 -0.61
C13 CLR D . 10.84 -8.20 -1.80
C14 CLR D . 10.02 -8.06 -3.04
C15 CLR D . 11.12 -7.89 -4.05
C16 CLR D . 12.00 -6.86 -3.35
C17 CLR D . 11.58 -6.86 -1.88
C18 CLR D . 11.83 -9.37 -1.92
C19 CLR D . 7.99 -11.82 -2.05
C20 CLR D . 12.85 -6.82 -1.04
C21 CLR D . 12.58 -6.30 0.36
C22 CLR D . 13.79 -5.85 -1.72
C23 CLR D . 14.60 -5.11 -0.66
C24 CLR D . 15.59 -4.16 -1.32
C25 CLR D . 16.94 -4.29 -0.64
C26 CLR D . 17.97 -4.73 -1.67
C27 CLR D . 17.35 -2.95 -0.05
O1 CLR D . 3.36 -11.81 -3.15
#